data_8I7Z
#
_entry.id   8I7Z
#
_cell.length_a   104.603
_cell.length_b   133.37
_cell.length_c   56.554
_cell.angle_alpha   90.0
_cell.angle_beta   90.0
_cell.angle_gamma   90.0
#
_symmetry.space_group_name_H-M   'P 21 21 2'
#
loop_
_entity.id
_entity.type
_entity.pdbx_description
1 polymer 'Tyrosine-protein kinase ABL1'
2 non-polymer 5-[3-(2-methoxy-5-oxidanyl-phenyl)-1H-pyrrolo[2,3-b]pyridin-5-yl]-N,N-dimethyl-pyridine-3-carboxamide
3 non-polymer BETA-ALANINE
4 water water
#
_entity_poly.entity_id   1
_entity_poly.type   'polypeptide(L)'
_entity_poly.pdbx_seq_one_letter_code
;SPNYDKWEMERTDITMKHKLGGGQYGEVYEGVWKKYSLTVAVKTLKEDTMEVEEFLKEAAVMKEIKHPNLVQLLGVCTRE
PPFYIITEFMTYGNLLDYLRECNRQEVNAVVLLYMATQISSAMEYLEKKNFIHRDLAARNCLVGENHLVKVADFGLSRLM
TGDT(PTR)TAHAGAKFPIKWTAPESLAYNKFSIKSDVWAFGVLLWEIATYGMSPYPGIDLSQVYELLEKDYRMERPEGC
PEKVYELMRACWQWNPSDRPSFAEIHQAFETMFQES
;
_entity_poly.pdbx_strand_id   A,B
#
# COMPACT_ATOMS: atom_id res chain seq x y z
N TYR A 4 13.69 9.48 13.94
CA TYR A 4 12.40 9.60 13.29
C TYR A 4 11.47 10.54 14.05
N ASP A 5 11.72 10.68 15.35
CA ASP A 5 10.93 11.57 16.20
C ASP A 5 11.50 12.98 16.15
N LYS A 6 12.75 13.09 15.68
CA LYS A 6 13.34 14.39 15.39
C LYS A 6 12.52 15.09 14.32
N TRP A 7 11.83 14.28 13.51
CA TRP A 7 10.97 14.78 12.45
C TRP A 7 9.55 15.09 12.95
N GLU A 8 9.17 14.49 14.07
CA GLU A 8 7.80 14.59 14.58
C GLU A 8 7.46 16.02 15.00
N MET A 9 6.30 16.49 14.53
CA MET A 9 5.83 17.84 14.86
C MET A 9 4.41 17.80 15.42
N GLU A 10 4.03 18.85 16.13
CA GLU A 10 2.64 19.03 16.54
C GLU A 10 1.85 19.58 15.36
N ARG A 11 0.62 19.11 15.20
CA ARG A 11 -0.23 19.52 14.08
C ARG A 11 -0.51 21.03 14.11
N THR A 12 -0.53 21.60 15.31
CA THR A 12 -0.83 23.02 15.47
C THR A 12 0.39 23.91 15.29
N ASP A 13 1.51 23.32 14.86
CA ASP A 13 2.68 24.12 14.52
C ASP A 13 2.53 24.69 13.11
N ILE A 14 1.60 24.10 12.36
CA ILE A 14 1.33 24.51 10.98
C ILE A 14 -0.07 25.09 10.86
N THR A 15 -0.21 26.11 10.02
CA THR A 15 -1.53 26.62 9.64
C THR A 15 -1.72 26.49 8.14
N MET A 16 -2.85 25.93 7.73
CA MET A 16 -3.18 25.84 6.31
C MET A 16 -3.57 27.23 5.80
N LYS A 17 -3.04 27.60 4.65
CA LYS A 17 -3.40 28.89 4.05
C LYS A 17 -4.25 28.71 2.80
N HIS A 18 -3.73 27.93 1.84
CA HIS A 18 -4.45 27.68 0.60
C HIS A 18 -4.43 26.21 0.24
N LYS A 19 -5.56 25.71 -0.25
CA LYS A 19 -5.60 24.36 -0.82
C LYS A 19 -5.13 24.42 -2.27
N LEU A 20 -4.13 23.61 -2.59
CA LEU A 20 -3.57 23.61 -3.95
C LEU A 20 -4.44 22.81 -4.91
N GLU A 27 -4.64 15.51 -1.39
CA GLU A 27 -4.97 16.63 -0.50
C GLU A 27 -3.72 17.42 -0.13
N VAL A 28 -3.37 18.38 -0.97
CA VAL A 28 -2.14 19.15 -0.79
C VAL A 28 -2.45 20.61 -0.48
N TYR A 29 -1.84 21.13 0.58
CA TYR A 29 -2.06 22.51 1.00
C TYR A 29 -0.78 23.34 0.99
N GLU A 30 -0.94 24.62 0.68
CA GLU A 30 0.10 25.59 1.00
C GLU A 30 -0.10 25.98 2.45
N GLY A 31 0.95 25.82 3.26
CA GLY A 31 0.82 26.09 4.68
C GLY A 31 1.89 27.01 5.21
N VAL A 32 1.77 27.35 6.50
CA VAL A 32 2.75 28.21 7.16
C VAL A 32 3.31 27.53 8.40
N TRP A 33 4.61 27.30 8.40
CA TRP A 33 5.30 26.86 9.61
C TRP A 33 5.49 28.09 10.49
N LYS A 34 4.59 28.24 11.48
CA LYS A 34 4.44 29.50 12.22
C LYS A 34 5.70 29.95 12.95
N LYS A 35 6.39 29.01 13.59
CA LYS A 35 7.60 29.31 14.36
C LYS A 35 8.65 30.02 13.52
N TYR A 36 8.72 29.66 12.24
CA TYR A 36 9.73 30.21 11.34
C TYR A 36 9.14 31.16 10.31
N SER A 37 7.84 31.40 10.38
CA SER A 37 7.12 32.21 9.39
C SER A 37 7.40 31.71 7.98
N LEU A 38 7.49 30.39 7.83
CA LEU A 38 7.92 29.79 6.58
C LEU A 38 6.78 29.13 5.81
N THR A 39 6.67 29.47 4.54
CA THR A 39 5.71 28.82 3.66
C THR A 39 6.15 27.39 3.38
N VAL A 40 5.24 26.45 3.61
CA VAL A 40 5.54 25.03 3.41
C VAL A 40 4.42 24.37 2.62
N ALA A 41 4.71 23.19 2.07
CA ALA A 41 3.68 22.39 1.44
C ALA A 41 3.27 21.28 2.40
N VAL A 42 1.96 21.09 2.56
CA VAL A 42 1.47 20.09 3.49
C VAL A 42 0.60 19.06 2.78
N LYS A 43 0.92 17.79 2.96
CA LYS A 43 0.07 16.73 2.44
C LYS A 43 -0.61 15.98 3.57
N THR A 44 -1.92 15.86 3.46
CA THR A 44 -2.73 15.22 4.49
C THR A 44 -3.31 13.91 3.97
N LEU A 45 -3.73 13.04 4.88
CA LEU A 45 -4.34 11.77 4.51
C LEU A 45 -5.86 11.85 4.61
N MET A 50 -5.48 6.46 -0.73
CA MET A 50 -4.28 5.83 -0.19
C MET A 50 -4.50 5.36 1.24
N GLU A 51 -3.95 4.19 1.57
CA GLU A 51 -4.12 3.63 2.91
C GLU A 51 -3.08 4.20 3.88
N VAL A 52 -3.35 4.03 5.18
CA VAL A 52 -2.54 4.64 6.22
C VAL A 52 -1.08 4.19 6.24
N GLU A 53 -0.86 2.88 6.18
CA GLU A 53 0.47 2.32 6.28
C GLU A 53 1.37 2.73 5.12
N GLU A 54 0.79 2.81 3.92
CA GLU A 54 1.51 3.26 2.75
C GLU A 54 1.95 4.72 2.92
N PHE A 55 1.06 5.53 3.46
CA PHE A 55 1.32 6.94 3.70
C PHE A 55 2.47 7.11 4.69
N LEU A 56 2.45 6.31 5.76
CA LEU A 56 3.48 6.37 6.79
C LEU A 56 4.83 5.89 6.27
N LYS A 57 4.82 4.90 5.38
CA LYS A 57 6.07 4.42 4.79
C LYS A 57 6.67 5.46 3.86
N GLU A 58 5.81 6.14 3.11
CA GLU A 58 6.25 7.19 2.21
C GLU A 58 6.97 8.28 2.98
N ALA A 59 6.46 8.60 4.16
CA ALA A 59 7.08 9.58 5.04
C ALA A 59 8.42 9.07 5.56
N ALA A 60 8.46 7.78 5.91
CA ALA A 60 9.67 7.16 6.45
C ALA A 60 10.81 7.20 5.44
N VAL A 61 10.48 6.96 4.17
CA VAL A 61 11.48 6.96 3.10
C VAL A 61 12.03 8.36 2.85
N MET A 62 11.15 9.35 2.87
CA MET A 62 11.56 10.74 2.62
C MET A 62 12.54 11.25 3.68
N LYS A 63 12.50 10.65 4.86
CA LYS A 63 13.41 11.02 5.95
C LYS A 63 14.86 10.72 5.59
N GLU A 64 15.06 9.79 4.66
CA GLU A 64 16.40 9.33 4.29
C GLU A 64 16.93 10.06 3.06
N ILE A 65 16.11 10.94 2.49
CA ILE A 65 16.46 11.63 1.26
C ILE A 65 17.05 13.02 1.52
N LYS A 66 18.28 13.23 1.09
CA LYS A 66 18.94 14.52 1.24
C LYS A 66 19.69 14.89 -0.04
N HIS A 67 19.08 15.74 -0.85
CA HIS A 67 19.66 16.16 -2.12
C HIS A 67 19.06 17.48 -2.55
N PRO A 68 19.89 18.39 -3.09
CA PRO A 68 19.44 19.74 -3.47
C PRO A 68 18.34 19.75 -4.55
N ASN A 69 18.19 18.66 -5.31
CA ASN A 69 17.18 18.62 -6.36
C ASN A 69 16.10 17.57 -6.11
N LEU A 70 15.95 17.18 -4.85
CA LEU A 70 14.81 16.39 -4.41
C LEU A 70 14.09 17.18 -3.33
N VAL A 71 12.76 17.20 -3.39
CA VAL A 71 11.95 17.97 -2.45
C VAL A 71 12.25 17.54 -1.02
N GLN A 72 12.64 18.52 -0.20
CA GLN A 72 13.11 18.23 1.16
C GLN A 72 11.98 18.13 2.17
N LEU A 73 11.95 17.00 2.89
CA LEU A 73 11.03 16.83 4.00
C LEU A 73 11.41 17.77 5.14
N LEU A 74 10.41 18.31 5.83
CA LEU A 74 10.66 19.24 6.92
C LEU A 74 10.15 18.70 8.25
N GLY A 75 9.13 17.84 8.18
CA GLY A 75 8.55 17.26 9.38
C GLY A 75 7.32 16.44 9.08
N VAL A 76 6.88 15.64 10.06
CA VAL A 76 5.68 14.84 9.90
C VAL A 76 4.80 14.89 11.15
N CYS A 77 3.52 14.59 10.98
CA CYS A 77 2.61 14.40 12.11
C CYS A 77 2.03 13.00 12.03
N THR A 78 2.63 12.06 12.77
CA THR A 78 2.28 10.66 12.63
C THR A 78 1.85 10.01 13.94
N ARG A 79 1.49 10.82 14.93
CA ARG A 79 1.03 10.31 16.21
C ARG A 79 -0.47 10.06 16.18
N GLU A 80 -1.23 11.13 16.00
CA GLU A 80 -2.68 11.04 15.93
C GLU A 80 -3.21 11.63 14.63
N PRO A 81 -4.16 10.93 13.98
CA PRO A 81 -4.80 11.40 12.75
C PRO A 81 -5.51 12.74 12.94
N PRO A 82 -5.59 13.57 11.88
CA PRO A 82 -5.06 13.30 10.53
C PRO A 82 -3.54 13.46 10.43
N PHE A 83 -2.93 12.70 9.53
CA PHE A 83 -1.48 12.69 9.40
C PHE A 83 -0.98 13.73 8.40
N TYR A 84 0.09 14.41 8.76
CA TYR A 84 0.71 15.42 7.90
C TYR A 84 2.08 14.99 7.41
N ILE A 85 2.38 15.32 6.16
CA ILE A 85 3.74 15.29 5.67
C ILE A 85 4.08 16.71 5.21
N ILE A 86 5.06 17.32 5.86
CA ILE A 86 5.41 18.71 5.60
C ILE A 86 6.74 18.82 4.87
N THR A 87 6.73 19.47 3.71
CA THR A 87 7.93 19.63 2.90
C THR A 87 8.14 21.09 2.53
N GLU A 88 9.27 21.37 1.90
CA GLU A 88 9.55 22.72 1.42
C GLU A 88 8.58 23.09 0.30
N PHE A 89 8.38 24.38 0.11
CA PHE A 89 7.45 24.87 -0.89
C PHE A 89 8.18 25.43 -2.10
N MET A 90 7.80 24.96 -3.28
CA MET A 90 8.39 25.41 -4.54
C MET A 90 7.48 26.44 -5.21
N THR A 91 7.96 27.67 -5.25
CA THR A 91 7.15 28.84 -5.61
C THR A 91 6.33 28.72 -6.90
N TYR A 92 6.92 28.16 -7.95
CA TYR A 92 6.29 28.24 -9.27
C TYR A 92 5.48 27.00 -9.67
N GLY A 93 5.39 26.03 -8.78
CA GLY A 93 4.58 24.85 -9.05
C GLY A 93 5.23 23.86 -9.98
N ASN A 94 4.41 23.04 -10.66
CA ASN A 94 4.94 21.95 -11.46
C ASN A 94 5.62 22.43 -12.74
N LEU A 95 6.59 21.65 -13.20
CA LEU A 95 7.43 22.01 -14.35
C LEU A 95 6.68 22.06 -15.67
N LEU A 96 5.66 21.20 -15.80
CA LEU A 96 4.92 21.11 -17.05
C LEU A 96 4.20 22.42 -17.37
N ASP A 97 3.44 22.93 -16.41
CA ASP A 97 2.74 24.20 -16.58
C ASP A 97 3.71 25.37 -16.66
N TYR A 98 4.83 25.27 -15.95
CA TYR A 98 5.84 26.31 -15.98
C TYR A 98 6.41 26.50 -17.38
N LEU A 99 6.74 25.39 -18.03
CA LEU A 99 7.29 25.43 -19.38
C LEU A 99 6.27 25.94 -20.39
N ARG A 100 5.01 25.54 -20.22
CA ARG A 100 3.96 25.92 -21.15
C ARG A 100 3.64 27.40 -21.08
N GLU A 101 3.87 28.02 -19.93
CA GLU A 101 3.43 29.39 -19.71
C GLU A 101 4.58 30.38 -19.60
N CYS A 102 5.80 29.90 -19.81
CA CYS A 102 6.99 30.73 -19.58
C CYS A 102 7.31 31.68 -20.72
N ASN A 103 8.19 32.62 -20.44
CA ASN A 103 8.83 33.46 -21.45
C ASN A 103 10.04 32.70 -21.98
N ARG A 104 9.97 32.27 -23.24
CA ARG A 104 10.99 31.40 -23.81
C ARG A 104 12.31 32.11 -24.11
N GLN A 105 12.30 33.45 -24.07
CA GLN A 105 13.54 34.20 -24.23
C GLN A 105 14.35 34.13 -22.95
N GLU A 106 13.65 33.98 -21.82
CA GLU A 106 14.30 33.81 -20.53
C GLU A 106 14.60 32.33 -20.28
N VAL A 107 13.58 31.50 -20.47
CA VAL A 107 13.75 30.05 -20.37
C VAL A 107 14.22 29.52 -21.72
N ASN A 108 15.48 29.80 -22.05
CA ASN A 108 16.03 29.44 -23.35
C ASN A 108 16.78 28.12 -23.32
N ALA A 109 17.55 27.87 -24.36
CA ALA A 109 18.23 26.58 -24.55
C ALA A 109 19.15 26.20 -23.39
N VAL A 110 19.89 27.16 -22.86
CA VAL A 110 20.83 26.88 -21.79
C VAL A 110 20.09 26.60 -20.49
N VAL A 111 18.95 27.24 -20.29
CA VAL A 111 18.14 27.01 -19.10
C VAL A 111 17.55 25.60 -19.14
N LEU A 112 17.16 25.15 -20.33
CA LEU A 112 16.63 23.80 -20.49
C LEU A 112 17.68 22.76 -20.16
N LEU A 113 18.92 23.01 -20.58
CA LEU A 113 20.03 22.12 -20.23
C LEU A 113 20.27 22.09 -18.73
N TYR A 114 20.17 23.26 -18.12
CA TYR A 114 20.34 23.40 -16.67
C TYR A 114 19.28 22.60 -15.92
N MET A 115 18.06 22.63 -16.42
CA MET A 115 16.96 21.88 -15.81
C MET A 115 17.18 20.37 -15.92
N ALA A 116 17.60 19.92 -17.09
CA ALA A 116 17.88 18.51 -17.32
C ALA A 116 19.03 18.02 -16.45
N THR A 117 20.03 18.88 -16.26
CA THR A 117 21.18 18.56 -15.43
C THR A 117 20.76 18.35 -13.98
N GLN A 118 19.90 19.24 -13.49
CA GLN A 118 19.40 19.15 -12.11
C GLN A 118 18.62 17.85 -11.88
N ILE A 119 17.73 17.54 -12.81
CA ILE A 119 16.88 16.36 -12.71
C ILE A 119 17.70 15.08 -12.75
N SER A 120 18.66 15.03 -13.67
CA SER A 120 19.53 13.85 -13.79
C SER A 120 20.41 13.70 -12.56
N SER A 121 20.75 14.82 -11.95
CA SER A 121 21.54 14.80 -10.71
C SER A 121 20.75 14.14 -9.59
N ALA A 122 19.46 14.47 -9.51
CA ALA A 122 18.57 13.88 -8.52
C ALA A 122 18.42 12.38 -8.75
N MET A 123 18.29 11.99 -10.01
CA MET A 123 18.09 10.57 -10.35
C MET A 123 19.37 9.77 -10.15
N GLU A 124 20.53 10.41 -10.33
CA GLU A 124 21.80 9.76 -10.07
C GLU A 124 21.92 9.44 -8.58
N TYR A 125 21.39 10.35 -7.76
CA TYR A 125 21.36 10.16 -6.31
C TYR A 125 20.46 9.00 -5.93
N LEU A 126 19.26 8.96 -6.50
CA LEU A 126 18.32 7.87 -6.25
C LEU A 126 18.89 6.54 -6.71
N GLU A 127 19.57 6.58 -7.85
CA GLU A 127 20.22 5.40 -8.39
C GLU A 127 21.26 4.87 -7.42
N LYS A 128 22.08 5.76 -6.87
CA LYS A 128 23.15 5.35 -5.96
C LYS A 128 22.60 4.86 -4.62
N LYS A 129 21.40 5.31 -4.25
CA LYS A 129 20.83 5.00 -2.95
C LYS A 129 19.73 3.93 -3.01
N ASN A 130 19.70 3.19 -4.13
CA ASN A 130 18.77 2.06 -4.29
C ASN A 130 17.30 2.45 -4.17
N PHE A 131 16.92 3.54 -4.84
CA PHE A 131 15.52 3.94 -4.94
C PHE A 131 15.09 4.00 -6.41
N ILE A 132 13.80 3.77 -6.65
CA ILE A 132 13.21 4.07 -7.95
C ILE A 132 12.08 5.07 -7.76
N HIS A 133 11.69 5.75 -8.83
CA HIS A 133 10.68 6.80 -8.75
C HIS A 133 9.32 6.29 -9.24
N ARG A 134 9.33 5.71 -10.44
CA ARG A 134 8.16 5.05 -11.05
C ARG A 134 7.11 6.00 -11.62
N ASP A 135 7.31 7.31 -11.47
CA ASP A 135 6.41 8.27 -12.09
C ASP A 135 7.14 9.54 -12.48
N LEU A 136 8.30 9.37 -13.10
CA LEU A 136 9.11 10.50 -13.55
C LEU A 136 8.41 11.17 -14.74
N ALA A 137 8.10 12.45 -14.59
CA ALA A 137 7.41 13.23 -15.61
C ALA A 137 7.46 14.70 -15.23
N ALA A 138 7.24 15.58 -16.20
CA ALA A 138 7.30 17.03 -15.96
C ALA A 138 6.27 17.48 -14.92
N ARG A 139 5.11 16.83 -14.93
CA ARG A 139 4.05 17.15 -13.97
C ARG A 139 4.48 16.86 -12.53
N ASN A 140 5.49 16.02 -12.37
CA ASN A 140 5.96 15.64 -11.04
C ASN A 140 7.31 16.26 -10.68
N CYS A 141 7.70 17.29 -11.42
CA CYS A 141 8.84 18.11 -11.06
C CYS A 141 8.35 19.48 -10.63
N LEU A 142 9.05 20.10 -9.69
CA LEU A 142 8.62 21.39 -9.15
C LEU A 142 9.69 22.45 -9.39
N VAL A 143 9.27 23.69 -9.56
CA VAL A 143 10.17 24.76 -9.94
C VAL A 143 10.21 25.87 -8.88
N GLY A 144 11.41 26.25 -8.49
CA GLY A 144 11.61 27.37 -7.57
C GLY A 144 12.23 28.54 -8.31
N GLU A 145 12.66 29.56 -7.56
CA GLU A 145 13.28 30.73 -8.15
C GLU A 145 14.55 30.37 -8.91
N ASN A 146 14.85 31.15 -9.95
CA ASN A 146 16.07 31.01 -10.73
C ASN A 146 16.21 29.63 -11.37
N HIS A 147 15.08 29.10 -11.84
CA HIS A 147 15.04 27.88 -12.62
C HIS A 147 15.56 26.67 -11.85
N LEU A 148 15.49 26.76 -10.53
CA LEU A 148 15.75 25.62 -9.66
C LEU A 148 14.66 24.57 -9.85
N VAL A 149 15.07 23.33 -10.12
CA VAL A 149 14.11 22.25 -10.32
C VAL A 149 14.32 21.14 -9.31
N LYS A 150 13.23 20.65 -8.74
CA LYS A 150 13.29 19.55 -7.79
C LYS A 150 12.31 18.45 -8.17
N VAL A 151 12.76 17.21 -8.06
CA VAL A 151 11.91 16.07 -8.33
C VAL A 151 11.07 15.75 -7.09
N ALA A 152 9.77 15.59 -7.28
CA ALA A 152 8.90 15.16 -6.20
C ALA A 152 9.24 13.71 -5.84
N ASP A 153 9.56 13.48 -4.57
CA ASP A 153 9.99 12.16 -4.12
C ASP A 153 9.00 11.53 -3.14
N PHE A 154 7.72 11.62 -3.46
CA PHE A 154 6.68 11.16 -2.55
C PHE A 154 6.29 9.72 -2.81
N GLY A 155 6.58 9.22 -4.01
CA GLY A 155 6.25 7.86 -4.37
C GLY A 155 7.48 6.99 -4.59
N LEU A 156 8.54 7.26 -3.84
CA LEU A 156 9.77 6.49 -3.95
C LEU A 156 9.60 5.07 -3.40
N SER A 157 10.23 4.11 -4.07
CA SER A 157 10.19 2.73 -3.60
C SER A 157 11.61 2.20 -3.42
N ARG A 158 11.81 1.42 -2.36
CA ARG A 158 13.10 0.79 -2.12
C ARG A 158 13.32 -0.33 -3.12
N LEU A 159 14.49 -0.34 -3.76
CA LEU A 159 14.82 -1.37 -4.73
C LEU A 159 16.30 -1.35 -5.03
N MET A 160 16.98 -2.47 -4.75
CA MET A 160 18.38 -2.62 -5.15
C MET A 160 18.47 -2.46 -6.66
N THR A 161 19.41 -1.63 -7.10
CA THR A 161 19.47 -1.19 -8.50
C THR A 161 19.52 -2.31 -9.53
N GLY A 162 20.04 -3.46 -9.13
CA GLY A 162 20.12 -4.59 -10.03
C GLY A 162 18.79 -5.32 -10.17
N ASP A 163 17.87 -5.04 -9.24
CA ASP A 163 16.63 -5.82 -9.15
C ASP A 163 15.44 -5.18 -9.85
N THR A 164 14.33 -5.89 -9.84
CA THR A 164 13.12 -5.49 -10.54
C THR A 164 11.90 -5.48 -9.62
N THR A 166 7.82 -5.63 -9.42
CA THR A 166 6.66 -6.04 -10.20
C THR A 166 5.38 -5.40 -9.67
N ALA A 167 4.81 -4.49 -10.44
CA ALA A 167 3.61 -3.78 -10.04
C ALA A 167 2.45 -4.74 -9.83
N HIS A 168 1.53 -4.37 -8.96
CA HIS A 168 0.40 -5.23 -8.60
C HIS A 168 -0.50 -5.50 -9.81
N ALA A 169 -1.23 -6.60 -9.73
CA ALA A 169 -2.10 -7.04 -10.82
C ALA A 169 -3.22 -6.03 -11.08
N GLY A 170 -3.28 -5.54 -12.32
CA GLY A 170 -4.33 -4.63 -12.72
C GLY A 170 -4.01 -3.17 -12.50
N ALA A 171 -2.73 -2.86 -12.35
CA ALA A 171 -2.28 -1.48 -12.18
C ALA A 171 -2.44 -0.70 -13.48
N LYS A 172 -2.80 0.57 -13.37
CA LYS A 172 -2.95 1.43 -14.53
C LYS A 172 -1.78 2.41 -14.62
N PHE A 173 -1.16 2.48 -15.80
CA PHE A 173 0.05 3.28 -15.99
C PHE A 173 -0.21 4.54 -16.80
N PRO A 174 0.68 5.54 -16.66
CA PRO A 174 0.76 6.65 -17.63
C PRO A 174 1.50 6.16 -18.88
N ILE A 175 0.74 5.60 -19.82
CA ILE A 175 1.28 4.81 -20.92
C ILE A 175 2.43 5.44 -21.69
N LYS A 176 2.31 6.72 -22.01
CA LYS A 176 3.30 7.38 -22.88
C LYS A 176 4.60 7.76 -22.15
N TRP A 177 4.65 7.52 -20.85
CA TRP A 177 5.88 7.73 -20.08
C TRP A 177 6.48 6.41 -19.65
N THR A 178 5.80 5.32 -19.98
CA THR A 178 6.08 4.02 -19.39
C THR A 178 6.95 3.13 -20.29
N ALA A 179 7.99 2.54 -19.69
CA ALA A 179 8.89 1.64 -20.41
C ALA A 179 8.15 0.39 -20.88
N PRO A 180 8.59 -0.18 -22.02
CA PRO A 180 7.97 -1.37 -22.61
C PRO A 180 7.89 -2.57 -21.66
N GLU A 181 8.95 -2.85 -20.90
CA GLU A 181 8.93 -3.99 -19.98
C GLU A 181 7.89 -3.79 -18.89
N SER A 182 7.54 -2.53 -18.62
CA SER A 182 6.51 -2.23 -17.63
C SER A 182 5.12 -2.38 -18.22
N LEU A 183 4.94 -1.93 -19.46
CA LEU A 183 3.66 -2.04 -20.13
C LEU A 183 3.24 -3.50 -20.35
N ALA A 184 4.22 -4.35 -20.58
CA ALA A 184 3.94 -5.74 -20.94
C ALA A 184 3.99 -6.70 -19.76
N TYR A 185 4.83 -6.41 -18.78
CA TYR A 185 5.05 -7.35 -17.67
C TYR A 185 4.96 -6.70 -16.29
N ASN A 186 4.51 -5.46 -16.23
CA ASN A 186 4.41 -4.72 -14.97
C ASN A 186 5.73 -4.67 -14.22
N LYS A 187 6.84 -4.70 -14.95
CA LYS A 187 8.16 -4.73 -14.35
C LYS A 187 8.81 -3.35 -14.37
N PHE A 188 9.32 -2.92 -13.22
CA PHE A 188 9.98 -1.64 -13.10
C PHE A 188 11.38 -1.81 -12.54
N SER A 189 12.30 -0.97 -12.98
CA SER A 189 13.65 -0.91 -12.44
C SER A 189 14.18 0.49 -12.63
N ILE A 190 15.44 0.71 -12.26
CA ILE A 190 16.06 2.01 -12.46
C ILE A 190 16.16 2.32 -13.96
N LYS A 191 16.22 1.28 -14.78
CA LYS A 191 16.27 1.44 -16.23
C LYS A 191 14.94 1.91 -16.79
N SER A 192 13.85 1.55 -16.13
CA SER A 192 12.53 2.02 -16.53
C SER A 192 12.37 3.49 -16.19
N ASP A 193 13.07 3.95 -15.16
CA ASP A 193 13.11 5.38 -14.84
C ASP A 193 13.91 6.13 -15.91
N VAL A 194 14.95 5.47 -16.43
CA VAL A 194 15.78 6.06 -17.47
C VAL A 194 14.95 6.32 -18.72
N TRP A 195 14.11 5.34 -19.07
CA TRP A 195 13.19 5.50 -20.18
C TRP A 195 12.29 6.71 -19.95
N ALA A 196 11.73 6.81 -18.75
CA ALA A 196 10.82 7.90 -18.42
C ALA A 196 11.54 9.24 -18.47
N PHE A 197 12.80 9.25 -18.06
CA PHE A 197 13.62 10.46 -18.12
C PHE A 197 13.75 10.95 -19.55
N GLY A 198 13.90 10.02 -20.48
CA GLY A 198 13.98 10.35 -21.89
C GLY A 198 12.74 11.07 -22.36
N VAL A 199 11.58 10.63 -21.90
CA VAL A 199 10.32 11.26 -22.25
C VAL A 199 10.25 12.64 -21.60
N LEU A 200 10.75 12.74 -20.37
CA LEU A 200 10.82 14.02 -19.66
C LEU A 200 11.69 15.02 -20.42
N LEU A 201 12.81 14.53 -20.97
CA LEU A 201 13.68 15.35 -21.80
C LEU A 201 12.91 15.93 -22.99
N TRP A 202 12.12 15.07 -23.62
CA TRP A 202 11.30 15.46 -24.76
C TRP A 202 10.28 16.52 -24.36
N GLU A 203 9.68 16.35 -23.18
CA GLU A 203 8.74 17.34 -22.64
C GLU A 203 9.42 18.68 -22.45
N ILE A 204 10.64 18.64 -21.93
CA ILE A 204 11.41 19.85 -21.69
C ILE A 204 11.79 20.53 -23.00
N ALA A 205 12.23 19.72 -23.96
CA ALA A 205 12.66 20.24 -25.27
C ALA A 205 11.51 20.88 -26.03
N THR A 206 10.28 20.40 -25.79
CA THR A 206 9.12 20.91 -26.51
C THR A 206 8.34 21.94 -25.69
N TYR A 207 8.90 22.33 -24.55
CA TYR A 207 8.24 23.25 -23.62
C TYR A 207 6.86 22.75 -23.20
N GLY A 208 6.76 21.44 -22.96
CA GLY A 208 5.56 20.88 -22.36
C GLY A 208 4.50 20.38 -23.32
N MET A 209 4.90 19.93 -24.50
CA MET A 209 3.96 19.28 -25.41
C MET A 209 3.64 17.88 -24.87
N SER A 210 2.48 17.36 -25.26
CA SER A 210 2.10 16.01 -24.89
C SER A 210 2.78 14.99 -25.80
N PRO A 211 3.38 13.95 -25.21
CA PRO A 211 4.14 12.92 -25.93
C PRO A 211 3.29 12.13 -26.92
N TYR A 212 3.94 11.61 -27.97
CA TYR A 212 3.26 10.86 -29.03
C TYR A 212 1.94 11.49 -29.44
N PRO A 213 1.98 12.72 -29.99
CA PRO A 213 0.77 13.49 -30.27
C PRO A 213 -0.23 12.76 -31.15
N GLY A 214 -1.44 12.59 -30.66
CA GLY A 214 -2.53 12.01 -31.43
C GLY A 214 -2.49 10.50 -31.53
N ILE A 215 -1.41 9.89 -31.07
CA ILE A 215 -1.25 8.45 -31.15
C ILE A 215 -2.11 7.75 -30.09
N ASP A 216 -2.97 6.85 -30.55
CA ASP A 216 -3.87 6.12 -29.66
C ASP A 216 -3.11 5.32 -28.61
N LEU A 217 -3.53 5.46 -27.35
CA LEU A 217 -2.84 4.85 -26.23
C LEU A 217 -2.73 3.33 -26.34
N SER A 218 -3.70 2.71 -26.99
CA SER A 218 -3.74 1.25 -27.07
C SER A 218 -2.76 0.69 -28.10
N GLN A 219 -2.15 1.57 -28.89
CA GLN A 219 -1.23 1.14 -29.94
C GLN A 219 0.21 1.57 -29.66
N VAL A 220 0.43 2.22 -28.53
CA VAL A 220 1.75 2.71 -28.17
C VAL A 220 2.76 1.56 -28.03
N TYR A 221 2.38 0.51 -27.33
CA TYR A 221 3.28 -0.62 -27.11
C TYR A 221 3.66 -1.29 -28.44
N GLU A 222 2.67 -1.53 -29.29
CA GLU A 222 2.91 -2.15 -30.60
C GLU A 222 3.84 -1.31 -31.48
N LEU A 223 3.72 0.01 -31.36
CA LEU A 223 4.61 0.91 -32.09
C LEU A 223 6.04 0.80 -31.57
N LEU A 224 6.18 0.80 -30.24
CA LEU A 224 7.48 0.75 -29.60
C LEU A 224 8.25 -0.52 -29.95
N GLU A 225 7.56 -1.65 -30.01
CA GLU A 225 8.22 -2.92 -30.29
C GLU A 225 8.67 -3.02 -31.74
N LYS A 226 8.10 -2.19 -32.61
CA LYS A 226 8.53 -2.12 -33.99
C LYS A 226 9.52 -0.97 -34.20
N ASP A 227 10.05 -0.49 -33.08
CA ASP A 227 11.10 0.55 -33.05
C ASP A 227 10.60 1.93 -33.51
N TYR A 228 9.35 2.26 -33.21
CA TYR A 228 8.90 3.63 -33.40
C TYR A 228 9.30 4.46 -32.19
N ARG A 229 9.85 5.65 -32.45
CA ARG A 229 10.17 6.59 -31.39
C ARG A 229 9.75 7.98 -31.84
N MET A 230 9.52 8.88 -30.88
CA MET A 230 9.21 10.26 -31.21
C MET A 230 10.36 10.90 -31.96
N GLU A 231 10.03 11.74 -32.95
CA GLU A 231 11.05 12.41 -33.74
C GLU A 231 11.70 13.53 -32.94
N ARG A 232 12.83 14.01 -33.43
CA ARG A 232 13.53 15.11 -32.80
C ARG A 232 12.67 16.37 -32.80
N PRO A 233 12.44 16.95 -31.62
CA PRO A 233 11.66 18.19 -31.49
C PRO A 233 12.31 19.35 -32.22
N GLU A 234 11.50 20.33 -32.62
CA GLU A 234 12.04 21.53 -33.27
C GLU A 234 12.95 22.28 -32.32
N GLY A 235 14.14 22.61 -32.80
CA GLY A 235 15.10 23.37 -32.01
C GLY A 235 15.92 22.55 -31.04
N CYS A 236 15.66 21.25 -30.97
CA CYS A 236 16.38 20.38 -30.06
C CYS A 236 17.76 20.01 -30.60
N PRO A 237 18.81 20.24 -29.79
CA PRO A 237 20.19 19.90 -30.16
C PRO A 237 20.34 18.41 -30.43
N GLU A 238 21.15 18.05 -31.44
CA GLU A 238 21.29 16.67 -31.86
C GLU A 238 21.80 15.76 -30.73
N LYS A 239 22.76 16.24 -29.96
CA LYS A 239 23.32 15.45 -28.87
C LYS A 239 22.27 15.16 -27.80
N VAL A 240 21.38 16.11 -27.57
CA VAL A 240 20.29 15.92 -26.62
C VAL A 240 19.33 14.84 -27.12
N TYR A 241 19.06 14.85 -28.43
CA TYR A 241 18.19 13.84 -29.02
C TYR A 241 18.84 12.46 -28.97
N GLU A 242 20.15 12.41 -29.18
CA GLU A 242 20.89 11.16 -29.09
C GLU A 242 20.75 10.55 -27.70
N LEU A 243 20.72 11.41 -26.70
CA LEU A 243 20.50 10.97 -25.31
C LEU A 243 19.10 10.42 -25.13
N MET A 244 18.11 11.11 -25.69
CA MET A 244 16.73 10.63 -25.67
C MET A 244 16.63 9.22 -26.23
N ARG A 245 17.19 9.03 -27.42
CA ARG A 245 17.14 7.76 -28.12
C ARG A 245 17.84 6.66 -27.33
N ALA A 246 18.93 7.03 -26.67
CA ALA A 246 19.67 6.08 -25.83
C ALA A 246 18.81 5.65 -24.65
N CYS A 247 18.04 6.57 -24.11
CA CYS A 247 17.13 6.27 -23.01
C CYS A 247 15.99 5.35 -23.47
N TRP A 248 15.71 5.37 -24.77
CA TRP A 248 14.58 4.63 -25.33
C TRP A 248 15.00 3.34 -26.01
N GLN A 249 16.16 2.80 -25.65
CA GLN A 249 16.56 1.49 -26.14
C GLN A 249 15.59 0.44 -25.62
N TRP A 250 15.24 -0.52 -26.47
CA TRP A 250 14.27 -1.55 -26.09
C TRP A 250 14.78 -2.38 -24.91
N ASN A 251 16.03 -2.82 -25.00
CA ASN A 251 16.64 -3.62 -23.95
C ASN A 251 17.09 -2.71 -22.81
N PRO A 252 16.49 -2.89 -21.62
CA PRO A 252 16.78 -2.08 -20.43
C PRO A 252 18.27 -1.96 -20.12
N SER A 253 19.01 -3.04 -20.28
CA SER A 253 20.43 -3.05 -19.95
C SER A 253 21.27 -2.25 -20.95
N ASP A 254 20.68 -1.93 -22.10
CA ASP A 254 21.37 -1.13 -23.11
C ASP A 254 21.25 0.37 -22.81
N ARG A 255 20.27 0.73 -21.99
CA ARG A 255 20.04 2.11 -21.62
C ARG A 255 21.15 2.59 -20.68
N PRO A 256 21.55 3.87 -20.81
CA PRO A 256 22.62 4.43 -19.98
C PRO A 256 22.19 4.57 -18.52
N SER A 257 23.16 4.61 -17.62
CA SER A 257 22.89 4.88 -16.22
C SER A 257 22.68 6.37 -16.03
N PHE A 258 22.11 6.76 -14.88
CA PHE A 258 21.91 8.18 -14.61
C PHE A 258 23.22 8.88 -14.32
N ALA A 259 24.22 8.11 -13.90
CA ALA A 259 25.55 8.66 -13.67
C ALA A 259 26.16 9.10 -14.99
N GLU A 260 25.97 8.29 -16.03
CA GLU A 260 26.44 8.62 -17.37
C GLU A 260 25.64 9.77 -17.97
N ILE A 261 24.32 9.74 -17.74
CA ILE A 261 23.43 10.78 -18.24
C ILE A 261 23.75 12.15 -17.63
N HIS A 262 23.96 12.16 -16.32
CA HIS A 262 24.28 13.41 -15.61
C HIS A 262 25.64 13.96 -16.06
N GLN A 263 26.60 13.08 -16.24
CA GLN A 263 27.93 13.49 -16.69
C GLN A 263 27.85 14.13 -18.07
N ALA A 264 27.01 13.57 -18.92
CA ALA A 264 26.84 14.08 -20.29
C ALA A 264 26.23 15.49 -20.28
N PHE A 265 25.26 15.72 -19.40
CA PHE A 265 24.59 17.01 -19.34
C PHE A 265 25.43 18.09 -18.67
N GLU A 266 26.20 17.72 -17.65
CA GLU A 266 27.07 18.68 -16.98
C GLU A 266 28.15 19.17 -17.94
N THR A 267 28.60 18.29 -18.82
CA THR A 267 29.55 18.66 -19.86
C THR A 267 28.93 19.68 -20.80
N MET A 268 27.75 19.36 -21.32
CA MET A 268 27.02 20.25 -22.22
C MET A 268 26.73 21.61 -21.58
N PHE A 269 26.29 21.59 -20.33
CA PHE A 269 25.93 22.82 -19.63
C PHE A 269 27.14 23.70 -19.34
N GLN A 270 28.28 23.08 -19.09
CA GLN A 270 29.50 23.81 -18.81
C GLN A 270 30.18 24.29 -20.09
N GLU A 271 29.60 23.93 -21.24
CA GLU A 271 30.16 24.32 -22.52
C GLU A 271 29.14 25.11 -23.35
N TYR B 4 -28.65 2.14 14.56
CA TYR B 4 -29.57 1.02 14.44
C TYR B 4 -30.58 1.26 13.33
N ASP B 5 -31.44 2.27 13.50
CA ASP B 5 -32.44 2.61 12.52
C ASP B 5 -31.81 3.24 11.28
N LYS B 6 -30.65 3.84 11.47
CA LYS B 6 -29.93 4.49 10.38
C LYS B 6 -29.32 3.48 9.42
N TRP B 7 -29.21 2.23 9.87
CA TRP B 7 -28.58 1.18 9.08
C TRP B 7 -29.60 0.37 8.27
N GLU B 8 -30.88 0.53 8.58
CA GLU B 8 -31.92 -0.26 7.93
C GLU B 8 -32.10 0.08 6.46
N MET B 9 -32.22 -0.97 5.64
CA MET B 9 -32.42 -0.82 4.21
C MET B 9 -33.67 -1.55 3.75
N GLU B 10 -34.13 -1.23 2.54
CA GLU B 10 -35.19 -1.99 1.90
C GLU B 10 -34.56 -3.14 1.13
N ARG B 11 -35.02 -4.36 1.39
CA ARG B 11 -34.43 -5.56 0.79
C ARG B 11 -34.73 -5.66 -0.71
N THR B 12 -35.50 -4.71 -1.23
CA THR B 12 -35.90 -4.73 -2.64
C THR B 12 -34.80 -4.29 -3.58
N ASP B 13 -34.00 -3.31 -3.15
CA ASP B 13 -32.98 -2.71 -4.00
C ASP B 13 -31.78 -3.62 -4.23
N ILE B 14 -31.57 -4.56 -3.31
CA ILE B 14 -30.48 -5.52 -3.44
C ILE B 14 -30.92 -6.71 -4.29
N THR B 15 -30.17 -6.99 -5.35
CA THR B 15 -30.44 -8.14 -6.20
C THR B 15 -29.37 -9.21 -6.01
N MET B 16 -29.78 -10.36 -5.49
CA MET B 16 -28.86 -11.45 -5.18
C MET B 16 -28.29 -12.09 -6.44
N LYS B 17 -27.29 -12.95 -6.26
CA LYS B 17 -26.67 -13.66 -7.37
C LYS B 17 -26.26 -15.07 -6.95
N HIS B 18 -24.96 -15.33 -6.95
CA HIS B 18 -24.44 -16.64 -6.56
C HIS B 18 -23.83 -16.60 -5.16
N LYS B 19 -23.78 -17.75 -4.51
CA LYS B 19 -23.19 -17.85 -3.18
C LYS B 19 -21.68 -17.63 -3.25
N LEU B 20 -21.09 -17.25 -2.12
CA LEU B 20 -19.65 -17.02 -2.06
C LEU B 20 -18.93 -18.21 -1.43
N GLY B 22 -16.95 -20.71 -1.95
CA GLY B 22 -17.87 -21.60 -2.63
C GLY B 22 -18.76 -22.34 -1.66
N GLY B 23 -19.47 -21.57 -0.85
CA GLY B 23 -20.28 -22.14 0.21
C GLY B 23 -19.45 -22.47 1.43
N GLN B 24 -18.27 -21.86 1.54
CA GLN B 24 -17.39 -22.09 2.69
C GLN B 24 -17.65 -21.11 3.84
N TYR B 25 -18.48 -20.09 3.62
CA TYR B 25 -18.80 -19.14 4.69
C TYR B 25 -20.27 -19.24 5.06
N GLY B 26 -20.94 -20.29 4.61
CA GLY B 26 -22.34 -20.49 4.90
C GLY B 26 -23.24 -19.82 3.89
N GLU B 27 -24.16 -18.99 4.37
CA GLU B 27 -25.14 -18.33 3.51
C GLU B 27 -24.73 -16.90 3.17
N VAL B 28 -23.63 -16.77 2.43
CA VAL B 28 -23.16 -15.46 1.98
C VAL B 28 -23.25 -15.36 0.47
N TYR B 29 -23.96 -14.36 -0.03
CA TYR B 29 -24.20 -14.25 -1.47
C TYR B 29 -23.61 -12.99 -2.08
N GLU B 30 -23.20 -13.12 -3.34
CA GLU B 30 -22.78 -11.98 -4.14
C GLU B 30 -24.00 -11.11 -4.45
N GLY B 31 -23.96 -9.86 -4.01
CA GLY B 31 -25.10 -8.98 -4.16
C GLY B 31 -24.80 -7.69 -4.90
N VAL B 32 -25.82 -7.10 -5.51
CA VAL B 32 -25.67 -5.85 -6.24
C VAL B 32 -26.62 -4.79 -5.74
N TRP B 33 -26.08 -3.71 -5.19
CA TRP B 33 -26.88 -2.56 -4.79
C TRP B 33 -27.25 -1.79 -6.06
N LYS B 34 -28.37 -2.18 -6.67
CA LYS B 34 -28.78 -1.64 -7.96
C LYS B 34 -28.94 -0.13 -7.96
N LYS B 35 -29.26 0.43 -6.79
CA LYS B 35 -29.44 1.87 -6.66
C LYS B 35 -28.10 2.60 -6.62
N TYR B 36 -27.19 2.13 -5.78
CA TYR B 36 -25.95 2.88 -5.54
C TYR B 36 -24.67 2.11 -5.90
N SER B 37 -24.32 2.18 -7.19
CA SER B 37 -22.96 1.93 -7.71
C SER B 37 -22.12 0.85 -7.05
N LEU B 38 -22.71 -0.19 -6.46
CA LEU B 38 -21.90 -1.10 -5.66
C LEU B 38 -22.30 -2.57 -5.67
N THR B 39 -21.31 -3.42 -5.94
CA THR B 39 -21.43 -4.85 -5.69
C THR B 39 -21.16 -5.07 -4.20
N VAL B 40 -21.99 -5.89 -3.55
CA VAL B 40 -21.87 -6.08 -2.11
C VAL B 40 -21.88 -7.54 -1.71
N ALA B 41 -21.56 -7.80 -0.45
CA ALA B 41 -21.67 -9.13 0.13
C ALA B 41 -22.86 -9.16 1.07
N VAL B 42 -23.75 -10.13 0.87
CA VAL B 42 -24.96 -10.24 1.68
C VAL B 42 -25.02 -11.58 2.41
N LYS B 43 -24.99 -11.53 3.74
CA LYS B 43 -25.16 -12.72 4.55
C LYS B 43 -26.62 -12.83 4.98
N THR B 44 -27.19 -14.02 4.80
CA THR B 44 -28.61 -14.24 5.10
C THR B 44 -28.81 -15.24 6.21
N LEU B 45 -30.02 -15.26 6.78
CA LEU B 45 -30.36 -16.19 7.85
C LEU B 45 -31.60 -16.99 7.50
N THR B 49 -34.95 -19.78 11.98
CA THR B 49 -35.21 -20.73 13.04
C THR B 49 -34.74 -20.17 14.36
N MET B 50 -33.79 -20.86 14.99
CA MET B 50 -33.05 -20.31 16.11
C MET B 50 -31.96 -19.42 15.52
N GLU B 51 -30.84 -19.28 16.23
CA GLU B 51 -29.68 -18.54 15.73
C GLU B 51 -29.98 -17.08 15.38
N VAL B 52 -31.21 -16.64 15.62
CA VAL B 52 -31.64 -15.29 15.30
C VAL B 52 -31.03 -14.29 16.28
N GLU B 53 -31.05 -14.66 17.56
CA GLU B 53 -30.48 -13.82 18.61
C GLU B 53 -29.00 -13.57 18.38
N GLU B 54 -28.28 -14.62 18.00
CA GLU B 54 -26.85 -14.51 17.71
C GLU B 54 -26.62 -13.69 16.44
N PHE B 55 -27.54 -13.81 15.50
CA PHE B 55 -27.46 -13.07 14.23
C PHE B 55 -27.60 -11.57 14.47
N LEU B 56 -28.55 -11.20 15.32
CA LEU B 56 -28.80 -9.80 15.64
C LEU B 56 -27.64 -9.19 16.43
N LYS B 57 -27.10 -9.97 17.37
CA LYS B 57 -25.97 -9.51 18.18
C LYS B 57 -24.75 -9.26 17.31
N GLU B 58 -24.54 -10.13 16.34
CA GLU B 58 -23.45 -9.99 15.37
C GLU B 58 -23.60 -8.69 14.57
N ALA B 59 -24.82 -8.43 14.10
CA ALA B 59 -25.11 -7.24 13.32
C ALA B 59 -24.88 -5.96 14.13
N ALA B 60 -25.29 -5.98 15.39
CA ALA B 60 -25.17 -4.81 16.27
C ALA B 60 -23.70 -4.48 16.54
N VAL B 61 -22.87 -5.52 16.63
CA VAL B 61 -21.43 -5.33 16.84
C VAL B 61 -20.79 -4.60 15.66
N MET B 62 -21.17 -5.02 14.46
CA MET B 62 -20.60 -4.45 13.25
C MET B 62 -20.96 -2.97 13.08
N LYS B 63 -22.06 -2.56 13.71
CA LYS B 63 -22.48 -1.16 13.68
C LYS B 63 -21.51 -0.28 14.46
N GLU B 64 -20.84 -0.87 15.45
CA GLU B 64 -19.91 -0.14 16.31
C GLU B 64 -18.48 -0.23 15.80
N ILE B 65 -18.28 -1.05 14.78
CA ILE B 65 -16.93 -1.30 14.24
C ILE B 65 -16.62 -0.40 13.06
N LYS B 66 -15.52 0.36 13.18
CA LYS B 66 -15.06 1.20 12.08
C LYS B 66 -13.53 1.26 12.04
N HIS B 67 -12.95 0.57 11.06
CA HIS B 67 -11.52 0.55 10.86
C HIS B 67 -11.24 0.19 9.40
N PRO B 68 -10.22 0.84 8.79
CA PRO B 68 -9.91 0.59 7.38
C PRO B 68 -9.55 -0.86 7.06
N ASN B 69 -9.22 -1.66 8.08
CA ASN B 69 -8.83 -3.04 7.85
C ASN B 69 -9.81 -4.04 8.45
N LEU B 70 -11.00 -3.56 8.78
CA LEU B 70 -12.12 -4.43 9.16
C LEU B 70 -13.22 -4.23 8.14
N VAL B 71 -13.79 -5.35 7.67
CA VAL B 71 -14.83 -5.30 6.64
C VAL B 71 -15.97 -4.38 7.06
N GLN B 72 -16.28 -3.41 6.21
CA GLN B 72 -17.24 -2.37 6.54
C GLN B 72 -18.69 -2.80 6.33
N LEU B 73 -19.51 -2.59 7.35
CA LEU B 73 -20.95 -2.82 7.25
C LEU B 73 -21.59 -1.71 6.43
N LEU B 74 -22.47 -2.09 5.51
CA LEU B 74 -23.15 -1.11 4.66
C LEU B 74 -24.62 -0.97 5.05
N GLY B 75 -25.23 -2.07 5.47
CA GLY B 75 -26.63 -2.05 5.87
C GLY B 75 -27.14 -3.38 6.37
N VAL B 76 -28.33 -3.36 6.96
CA VAL B 76 -28.97 -4.58 7.48
C VAL B 76 -30.47 -4.59 7.14
N CYS B 77 -31.03 -5.79 7.05
CA CYS B 77 -32.47 -5.95 6.85
C CYS B 77 -33.05 -6.82 7.96
N THR B 78 -33.42 -6.20 9.06
CA THR B 78 -33.91 -6.95 10.23
C THR B 78 -35.35 -6.62 10.56
N ARG B 79 -36.18 -6.46 9.54
CA ARG B 79 -37.61 -6.24 9.74
C ARG B 79 -38.37 -7.54 9.56
N GLU B 80 -38.71 -7.86 8.31
CA GLU B 80 -39.33 -9.14 7.98
C GLU B 80 -38.33 -10.27 8.17
N PRO B 81 -38.80 -11.48 8.47
CA PRO B 81 -37.97 -12.66 8.75
C PRO B 81 -36.77 -12.90 7.81
N PRO B 82 -36.91 -12.64 6.49
CA PRO B 82 -35.67 -12.74 5.70
C PRO B 82 -34.64 -11.69 6.10
N PHE B 83 -33.66 -12.10 6.90
CA PHE B 83 -32.67 -11.17 7.44
C PHE B 83 -31.43 -11.06 6.56
N TYR B 84 -31.04 -9.81 6.27
CA TYR B 84 -29.83 -9.55 5.49
C TYR B 84 -28.81 -8.74 6.29
N ILE B 85 -27.54 -9.08 6.14
CA ILE B 85 -26.45 -8.22 6.60
C ILE B 85 -25.59 -7.88 5.40
N ILE B 86 -25.62 -6.60 4.99
CA ILE B 86 -24.92 -6.18 3.79
C ILE B 86 -23.58 -5.51 4.13
N THR B 87 -22.50 -6.08 3.61
CA THR B 87 -21.17 -5.54 3.83
C THR B 87 -20.48 -5.28 2.49
N GLU B 88 -19.38 -4.52 2.53
CA GLU B 88 -18.63 -4.22 1.32
C GLU B 88 -18.06 -5.49 0.70
N PHE B 89 -17.79 -5.43 -0.60
CA PHE B 89 -17.31 -6.59 -1.33
C PHE B 89 -15.81 -6.47 -1.66
N MET B 90 -15.04 -7.44 -1.19
CA MET B 90 -13.60 -7.48 -1.46
C MET B 90 -13.33 -8.30 -2.71
N THR B 91 -12.89 -7.64 -3.77
CA THR B 91 -12.86 -8.22 -5.11
C THR B 91 -11.91 -9.39 -5.32
N TYR B 92 -10.87 -9.48 -4.49
CA TYR B 92 -9.87 -10.55 -4.68
C TYR B 92 -10.10 -11.76 -3.78
N GLY B 93 -11.25 -11.81 -3.12
CA GLY B 93 -11.59 -12.96 -2.30
C GLY B 93 -10.76 -13.09 -1.04
N ASN B 94 -10.72 -14.30 -0.49
CA ASN B 94 -10.02 -14.53 0.77
C ASN B 94 -8.51 -14.64 0.60
N LEU B 95 -7.78 -14.28 1.66
CA LEU B 95 -6.33 -14.20 1.63
C LEU B 95 -5.66 -15.54 1.39
N LEU B 96 -6.25 -16.61 1.90
CA LEU B 96 -5.69 -17.95 1.77
C LEU B 96 -5.58 -18.36 0.31
N ASP B 97 -6.69 -18.28 -0.42
CA ASP B 97 -6.72 -18.63 -1.84
C ASP B 97 -5.86 -17.66 -2.64
N TYR B 98 -5.84 -16.40 -2.21
CA TYR B 98 -5.07 -15.37 -2.89
C TYR B 98 -3.57 -15.67 -2.84
N LEU B 99 -3.08 -16.08 -1.68
CA LEU B 99 -1.67 -16.38 -1.50
C LEU B 99 -1.24 -17.62 -2.28
N ARG B 100 -2.16 -18.58 -2.41
CA ARG B 100 -1.86 -19.84 -3.08
C ARG B 100 -1.79 -19.70 -4.60
N GLU B 101 -2.38 -18.63 -5.12
CA GLU B 101 -2.52 -18.47 -6.56
C GLU B 101 -1.84 -17.22 -7.11
N CYS B 102 -1.17 -16.46 -6.23
CA CYS B 102 -0.59 -15.19 -6.63
C CYS B 102 0.78 -15.33 -7.28
N ASN B 103 1.19 -14.28 -7.99
CA ASN B 103 2.55 -14.13 -8.46
C ASN B 103 3.44 -13.71 -7.29
N ARG B 104 4.43 -14.54 -6.96
CA ARG B 104 5.24 -14.31 -5.78
C ARG B 104 6.33 -13.26 -6.03
N GLN B 105 6.56 -12.96 -7.30
CA GLN B 105 7.46 -11.87 -7.67
C GLN B 105 6.78 -10.54 -7.32
N GLU B 106 5.47 -10.51 -7.51
CA GLU B 106 4.66 -9.35 -7.13
C GLU B 106 4.40 -9.36 -5.63
N VAL B 107 3.75 -10.42 -5.16
CA VAL B 107 3.50 -10.58 -3.74
C VAL B 107 4.75 -11.17 -3.09
N ASN B 108 5.76 -10.33 -2.92
CA ASN B 108 7.03 -10.76 -2.33
C ASN B 108 7.11 -10.48 -0.84
N ALA B 109 8.32 -10.46 -0.31
CA ALA B 109 8.55 -10.33 1.12
C ALA B 109 7.97 -9.05 1.71
N VAL B 110 8.18 -7.92 1.02
CA VAL B 110 7.72 -6.64 1.55
C VAL B 110 6.18 -6.58 1.56
N VAL B 111 5.55 -7.24 0.59
CA VAL B 111 4.09 -7.26 0.52
C VAL B 111 3.50 -8.13 1.63
N LEU B 112 4.20 -9.21 1.97
CA LEU B 112 3.77 -10.06 3.08
C LEU B 112 3.82 -9.30 4.40
N LEU B 113 4.85 -8.47 4.55
CA LEU B 113 4.97 -7.60 5.72
C LEU B 113 3.85 -6.57 5.75
N TYR B 114 3.50 -6.07 4.57
CA TYR B 114 2.42 -5.10 4.43
C TYR B 114 1.09 -5.70 4.90
N MET B 115 0.84 -6.94 4.51
CA MET B 115 -0.38 -7.65 4.92
C MET B 115 -0.42 -7.88 6.42
N ALA B 116 0.72 -8.26 6.99
CA ALA B 116 0.83 -8.49 8.42
C ALA B 116 0.59 -7.20 9.19
N THR B 117 1.10 -6.09 8.66
CA THR B 117 0.95 -4.79 9.28
C THR B 117 -0.50 -4.33 9.31
N GLN B 118 -1.21 -4.56 8.21
CA GLN B 118 -2.62 -4.20 8.11
C GLN B 118 -3.47 -4.98 9.10
N ILE B 119 -3.23 -6.29 9.17
CA ILE B 119 -4.01 -7.17 10.03
C ILE B 119 -3.77 -6.88 11.50
N SER B 120 -2.50 -6.69 11.88
CA SER B 120 -2.15 -6.37 13.26
C SER B 120 -2.73 -5.02 13.67
N SER B 121 -2.87 -4.12 12.69
CA SER B 121 -3.47 -2.81 12.93
C SER B 121 -4.94 -2.95 13.31
N ALA B 122 -5.66 -3.80 12.58
CA ALA B 122 -7.06 -4.07 12.88
C ALA B 122 -7.21 -4.71 14.25
N MET B 123 -6.28 -5.60 14.58
CA MET B 123 -6.33 -6.32 15.85
C MET B 123 -5.96 -5.40 17.01
N GLU B 124 -5.10 -4.42 16.75
CA GLU B 124 -4.74 -3.43 17.75
C GLU B 124 -5.98 -2.59 18.10
N TYR B 125 -6.75 -2.26 17.07
CA TYR B 125 -7.98 -1.52 17.22
C TYR B 125 -9.00 -2.30 18.06
N LEU B 126 -9.11 -3.60 17.80
CA LEU B 126 -10.02 -4.45 18.55
C LEU B 126 -9.56 -4.65 19.98
N GLU B 127 -8.25 -4.68 20.17
CA GLU B 127 -7.65 -4.80 21.50
C GLU B 127 -8.04 -3.63 22.38
N LYS B 128 -8.01 -2.43 21.80
CA LYS B 128 -8.37 -1.21 22.51
C LYS B 128 -9.87 -1.16 22.84
N LYS B 129 -10.69 -1.67 21.93
CA LYS B 129 -12.14 -1.60 22.09
C LYS B 129 -12.74 -2.78 22.85
N ASN B 130 -11.87 -3.57 23.48
CA ASN B 130 -12.28 -4.74 24.27
C ASN B 130 -13.13 -5.73 23.48
N PHE B 131 -12.72 -6.01 22.25
CA PHE B 131 -13.31 -7.08 21.47
C PHE B 131 -12.32 -8.23 21.32
N ILE B 132 -12.83 -9.40 20.97
CA ILE B 132 -11.98 -10.51 20.55
C ILE B 132 -12.55 -11.06 19.25
N HIS B 133 -11.75 -11.81 18.49
CA HIS B 133 -12.19 -12.25 17.18
C HIS B 133 -12.62 -13.72 17.14
N ARG B 134 -11.95 -14.55 17.94
CA ARG B 134 -12.26 -15.99 18.08
C ARG B 134 -11.95 -16.83 16.84
N ASP B 135 -11.76 -16.21 15.68
CA ASP B 135 -11.51 -16.98 14.47
C ASP B 135 -10.57 -16.26 13.51
N LEU B 136 -9.38 -15.92 13.99
CA LEU B 136 -8.39 -15.24 13.17
C LEU B 136 -7.61 -16.25 12.32
N ALA B 137 -7.84 -16.21 11.01
CA ALA B 137 -7.19 -17.12 10.08
C ALA B 137 -7.19 -16.52 8.68
N ALA B 138 -6.32 -17.04 7.81
CA ALA B 138 -6.18 -16.50 6.46
C ALA B 138 -7.47 -16.63 5.65
N ARG B 139 -8.23 -17.68 5.94
CA ARG B 139 -9.50 -17.92 5.26
C ARG B 139 -10.53 -16.83 5.58
N ASN B 140 -10.37 -16.18 6.73
CA ASN B 140 -11.29 -15.15 7.17
C ASN B 140 -10.76 -13.75 6.94
N CYS B 141 -9.63 -13.65 6.23
CA CYS B 141 -9.12 -12.36 5.80
C CYS B 141 -9.44 -12.17 4.33
N LEU B 142 -9.69 -10.93 3.93
CA LEU B 142 -10.09 -10.63 2.57
C LEU B 142 -9.11 -9.70 1.88
N VAL B 143 -9.08 -9.73 0.56
CA VAL B 143 -8.10 -8.96 -0.20
C VAL B 143 -8.77 -8.03 -1.21
N GLY B 144 -8.32 -6.78 -1.24
CA GLY B 144 -8.82 -5.81 -2.20
C GLY B 144 -7.73 -5.41 -3.18
N GLU B 145 -7.96 -4.31 -3.89
CA GLU B 145 -6.98 -3.80 -4.84
C GLU B 145 -5.71 -3.33 -4.12
N ASN B 146 -4.58 -3.47 -4.81
CA ASN B 146 -3.28 -3.04 -4.30
C ASN B 146 -2.93 -3.62 -2.93
N HIS B 147 -3.14 -4.93 -2.80
CA HIS B 147 -2.72 -5.68 -1.62
C HIS B 147 -3.35 -5.17 -0.32
N LEU B 148 -4.52 -4.56 -0.43
CA LEU B 148 -5.30 -4.17 0.73
C LEU B 148 -5.89 -5.42 1.37
N VAL B 149 -5.76 -5.53 2.70
CA VAL B 149 -6.29 -6.67 3.42
C VAL B 149 -7.25 -6.23 4.51
N LYS B 150 -8.37 -6.93 4.64
CA LYS B 150 -9.33 -6.64 5.71
C LYS B 150 -9.71 -7.92 6.44
N VAL B 151 -9.96 -7.78 7.74
CA VAL B 151 -10.37 -8.92 8.56
C VAL B 151 -11.89 -8.98 8.64
N ALA B 152 -12.45 -10.16 8.39
CA ALA B 152 -13.89 -10.36 8.54
C ALA B 152 -14.28 -10.26 10.00
N ASP B 153 -15.26 -9.41 10.29
CA ASP B 153 -15.65 -9.13 11.66
C ASP B 153 -17.05 -9.67 11.98
N PHE B 154 -17.31 -10.90 11.55
CA PHE B 154 -18.63 -11.48 11.71
C PHE B 154 -18.71 -12.39 12.93
N GLY B 155 -17.55 -12.67 13.52
CA GLY B 155 -17.49 -13.51 14.70
C GLY B 155 -16.91 -12.79 15.90
N LEU B 156 -16.97 -11.47 15.88
CA LEU B 156 -16.44 -10.66 16.97
C LEU B 156 -17.27 -10.83 18.25
N SER B 157 -16.57 -10.85 19.38
CA SER B 157 -17.23 -10.91 20.69
C SER B 157 -16.81 -9.73 21.55
N ARG B 158 -17.77 -9.10 22.20
CA ARG B 158 -17.49 -8.00 23.10
C ARG B 158 -17.20 -8.51 24.50
N LEU B 159 -16.14 -8.01 25.12
CA LEU B 159 -15.84 -8.33 26.51
C LEU B 159 -16.59 -7.38 27.44
N MET B 160 -17.63 -7.88 28.07
CA MET B 160 -18.44 -7.07 28.99
C MET B 160 -17.66 -6.78 30.27
N THR B 161 -17.03 -7.82 30.81
CA THR B 161 -16.15 -7.67 31.97
C THR B 161 -14.90 -8.52 31.78
N GLY B 162 -13.82 -8.12 32.45
CA GLY B 162 -12.59 -8.90 32.43
C GLY B 162 -11.90 -8.98 31.08
N ASP B 163 -11.05 -9.97 30.92
CA ASP B 163 -10.23 -10.12 29.72
C ASP B 163 -10.58 -11.36 28.92
N THR B 164 -11.41 -12.23 29.49
CA THR B 164 -11.68 -13.52 28.85
C THR B 164 -13.14 -13.70 28.46
N THR B 166 -15.87 -16.79 27.48
CA THR B 166 -16.11 -18.23 27.50
C THR B 166 -17.04 -18.62 26.36
N ALA B 167 -16.54 -19.47 25.46
CA ALA B 167 -17.34 -19.97 24.36
C ALA B 167 -18.51 -20.81 24.89
N HIS B 168 -19.57 -20.91 24.11
CA HIS B 168 -20.74 -21.68 24.52
C HIS B 168 -20.39 -23.16 24.70
N ALA B 169 -21.25 -23.88 25.42
CA ALA B 169 -21.00 -25.27 25.75
C ALA B 169 -20.94 -26.15 24.50
N GLY B 170 -19.85 -26.91 24.38
CA GLY B 170 -19.69 -27.84 23.27
C GLY B 170 -19.38 -27.15 21.96
N ALA B 171 -18.64 -26.05 22.02
CA ALA B 171 -18.27 -25.32 20.82
C ALA B 171 -17.11 -26.00 20.09
N LYS B 172 -17.17 -26.00 18.75
CA LYS B 172 -16.13 -26.62 17.95
C LYS B 172 -15.12 -25.57 17.48
N PHE B 173 -13.84 -25.85 17.71
CA PHE B 173 -12.78 -24.89 17.38
C PHE B 173 -11.88 -25.38 16.26
N PRO B 174 -11.41 -24.46 15.42
CA PRO B 174 -10.29 -24.76 14.52
C PRO B 174 -9.02 -25.01 15.34
N ILE B 175 -8.79 -26.28 15.67
CA ILE B 175 -7.73 -26.68 16.61
C ILE B 175 -6.36 -26.10 16.29
N LYS B 176 -5.98 -26.14 15.02
CA LYS B 176 -4.62 -25.73 14.62
C LYS B 176 -4.40 -24.23 14.76
N TRP B 177 -5.47 -23.46 14.92
CA TRP B 177 -5.36 -22.01 15.08
C TRP B 177 -5.66 -21.58 16.51
N THR B 178 -6.02 -22.54 17.36
CA THR B 178 -6.53 -22.22 18.69
C THR B 178 -5.44 -22.29 19.76
N ALA B 179 -5.36 -21.24 20.58
CA ALA B 179 -4.42 -21.19 21.69
C ALA B 179 -4.68 -22.35 22.65
N PRO B 180 -3.61 -22.89 23.25
CA PRO B 180 -3.72 -24.05 24.15
C PRO B 180 -4.64 -23.82 25.36
N GLU B 181 -4.67 -22.60 25.89
CA GLU B 181 -5.54 -22.32 27.03
C GLU B 181 -7.00 -22.30 26.59
N SER B 182 -7.22 -22.01 25.31
CA SER B 182 -8.57 -22.00 24.77
C SER B 182 -9.04 -23.42 24.44
N LEU B 183 -8.09 -24.27 24.07
CA LEU B 183 -8.39 -25.68 23.82
C LEU B 183 -8.73 -26.39 25.12
N ALA B 184 -8.09 -25.95 26.21
CA ALA B 184 -8.19 -26.63 27.49
C ALA B 184 -9.35 -26.13 28.35
N TYR B 185 -9.82 -24.91 28.10
CA TYR B 185 -10.80 -24.31 28.99
C TYR B 185 -11.93 -23.56 28.26
N ASN B 186 -11.94 -23.60 26.93
CA ASN B 186 -12.93 -22.89 26.13
C ASN B 186 -12.98 -21.40 26.42
N LYS B 187 -11.86 -20.83 26.85
CA LYS B 187 -11.79 -19.42 27.14
C LYS B 187 -10.93 -18.68 26.13
N PHE B 188 -11.46 -17.58 25.60
CA PHE B 188 -10.75 -16.79 24.62
C PHE B 188 -10.43 -15.40 25.17
N SER B 189 -9.23 -14.92 24.87
CA SER B 189 -8.83 -13.58 25.26
C SER B 189 -8.13 -12.93 24.08
N ILE B 190 -7.60 -11.72 24.27
CA ILE B 190 -6.86 -11.06 23.21
C ILE B 190 -5.52 -11.78 23.02
N LYS B 191 -5.03 -12.42 24.08
CA LYS B 191 -3.77 -13.16 24.02
C LYS B 191 -3.92 -14.45 23.21
N SER B 192 -5.14 -14.99 23.18
CA SER B 192 -5.41 -16.17 22.37
C SER B 192 -5.56 -15.77 20.90
N ASP B 193 -5.94 -14.51 20.67
CA ASP B 193 -5.98 -13.96 19.31
C ASP B 193 -4.55 -13.72 18.82
N VAL B 194 -3.66 -13.36 19.74
CA VAL B 194 -2.25 -13.20 19.43
C VAL B 194 -1.65 -14.52 18.97
N TRP B 195 -2.03 -15.62 19.64
CA TRP B 195 -1.58 -16.95 19.25
C TRP B 195 -2.02 -17.27 17.83
N ALA B 196 -3.31 -17.08 17.55
CA ALA B 196 -3.87 -17.34 16.23
C ALA B 196 -3.18 -16.47 15.17
N PHE B 197 -2.88 -15.23 15.54
CA PHE B 197 -2.18 -14.33 14.64
C PHE B 197 -0.82 -14.90 14.25
N GLY B 198 -0.18 -15.60 15.19
CA GLY B 198 1.09 -16.24 14.93
C GLY B 198 0.95 -17.31 13.86
N VAL B 199 -0.10 -18.12 13.96
CA VAL B 199 -0.39 -19.14 12.97
C VAL B 199 -0.69 -18.49 11.62
N LEU B 200 -1.44 -17.39 11.66
CA LEU B 200 -1.75 -16.61 10.47
C LEU B 200 -0.48 -16.13 9.78
N LEU B 201 0.49 -15.68 10.56
CA LEU B 201 1.78 -15.26 10.04
C LEU B 201 2.46 -16.40 9.29
N TRP B 202 2.40 -17.59 9.88
CA TRP B 202 2.98 -18.79 9.28
C TRP B 202 2.28 -19.12 7.97
N GLU B 203 0.95 -18.96 7.95
CA GLU B 203 0.17 -19.16 6.74
C GLU B 203 0.63 -18.21 5.63
N ILE B 204 0.83 -16.95 6.00
CA ILE B 204 1.25 -15.93 5.06
C ILE B 204 2.66 -16.22 4.53
N ALA B 205 3.56 -16.56 5.44
CA ALA B 205 4.96 -16.80 5.09
C ALA B 205 5.14 -18.00 4.17
N THR B 206 4.21 -18.94 4.24
CA THR B 206 4.30 -20.16 3.42
C THR B 206 3.41 -20.06 2.17
N TYR B 207 2.84 -18.88 1.97
CA TYR B 207 1.92 -18.63 0.86
C TYR B 207 0.73 -19.60 0.86
N GLY B 208 0.16 -19.83 2.04
CA GLY B 208 -1.10 -20.55 2.14
C GLY B 208 -1.01 -22.04 2.39
N MET B 209 0.07 -22.49 3.03
CA MET B 209 0.17 -23.90 3.40
C MET B 209 -0.61 -24.18 4.67
N SER B 210 -1.13 -25.40 4.78
CA SER B 210 -1.88 -25.80 5.96
C SER B 210 -0.93 -26.03 7.13
N PRO B 211 -1.28 -25.49 8.31
CA PRO B 211 -0.44 -25.60 9.51
C PRO B 211 -0.37 -27.03 10.05
N TYR B 212 0.70 -27.35 10.77
CA TYR B 212 0.95 -28.69 11.32
C TYR B 212 0.58 -29.82 10.37
N PRO B 213 1.16 -29.83 9.15
CA PRO B 213 0.75 -30.85 8.17
C PRO B 213 1.08 -32.27 8.61
N GLY B 214 0.08 -33.16 8.57
CA GLY B 214 0.29 -34.56 8.87
C GLY B 214 0.13 -34.93 10.32
N ILE B 215 -0.04 -33.93 11.18
CA ILE B 215 -0.16 -34.17 12.61
C ILE B 215 -1.61 -34.44 13.04
N ASP B 216 -1.81 -35.51 13.80
CA ASP B 216 -3.12 -35.87 14.32
C ASP B 216 -3.64 -34.81 15.28
N LEU B 217 -4.85 -34.32 15.02
CA LEU B 217 -5.44 -33.23 15.80
C LEU B 217 -5.50 -33.51 17.30
N SER B 218 -5.64 -34.78 17.67
CA SER B 218 -5.76 -35.17 19.07
C SER B 218 -4.44 -35.03 19.81
N GLN B 219 -3.35 -34.87 19.07
CA GLN B 219 -2.01 -34.79 19.66
C GLN B 219 -1.55 -33.35 19.85
N VAL B 220 -2.26 -32.41 19.23
CA VAL B 220 -1.83 -31.01 19.17
C VAL B 220 -1.58 -30.38 20.55
N TYR B 221 -2.54 -30.49 21.46
CA TYR B 221 -2.38 -29.87 22.77
C TYR B 221 -1.17 -30.41 23.51
N GLU B 222 -1.04 -31.73 23.57
CA GLU B 222 0.08 -32.36 24.25
C GLU B 222 1.41 -31.95 23.61
N LEU B 223 1.44 -31.92 22.28
CA LEU B 223 2.62 -31.49 21.55
C LEU B 223 3.01 -30.07 21.93
N LEU B 224 2.03 -29.17 21.93
CA LEU B 224 2.26 -27.78 22.28
C LEU B 224 2.74 -27.64 23.72
N GLU B 225 2.17 -28.45 24.61
CA GLU B 225 2.54 -28.42 26.02
C GLU B 225 3.99 -28.83 26.20
N LYS B 226 4.45 -29.75 25.36
CA LYS B 226 5.83 -30.22 25.43
C LYS B 226 6.71 -29.44 24.45
N ASP B 227 6.30 -28.19 24.21
CA ASP B 227 7.10 -27.19 23.50
C ASP B 227 7.33 -27.45 22.01
N TYR B 228 6.44 -28.21 21.38
CA TYR B 228 6.51 -28.36 19.93
C TYR B 228 5.95 -27.10 19.26
N ARG B 229 6.72 -26.55 18.32
CA ARG B 229 6.28 -25.39 17.56
C ARG B 229 6.63 -25.58 16.09
N MET B 230 5.82 -25.00 15.20
CA MET B 230 6.12 -25.06 13.78
C MET B 230 7.46 -24.38 13.48
N GLU B 231 8.18 -24.92 12.49
CA GLU B 231 9.51 -24.44 12.18
C GLU B 231 9.49 -23.26 11.20
N ARG B 232 10.61 -22.54 11.16
CA ARG B 232 10.75 -21.37 10.30
C ARG B 232 10.62 -21.74 8.82
N PRO B 233 9.61 -21.17 8.15
CA PRO B 233 9.37 -21.45 6.73
C PRO B 233 10.53 -21.04 5.85
N GLU B 234 10.66 -21.70 4.70
CA GLU B 234 11.69 -21.36 3.73
C GLU B 234 11.55 -19.92 3.28
N GLY B 235 12.61 -19.13 3.41
CA GLY B 235 12.61 -17.76 2.96
C GLY B 235 12.02 -16.77 3.95
N CYS B 236 11.59 -17.26 5.11
CA CYS B 236 11.05 -16.39 6.14
C CYS B 236 12.16 -15.69 6.90
N PRO B 237 12.10 -14.34 6.97
CA PRO B 237 13.08 -13.56 7.72
C PRO B 237 13.14 -13.97 9.17
N GLU B 238 14.32 -13.93 9.78
CA GLU B 238 14.50 -14.43 11.14
C GLU B 238 13.65 -13.66 12.16
N LYS B 239 13.59 -12.34 12.00
CA LYS B 239 12.85 -11.52 12.96
C LYS B 239 11.34 -11.73 12.84
N VAL B 240 10.88 -12.12 11.66
CA VAL B 240 9.47 -12.45 11.48
C VAL B 240 9.15 -13.75 12.21
N TYR B 241 10.06 -14.72 12.13
CA TYR B 241 9.85 -16.01 12.78
C TYR B 241 9.93 -15.88 14.30
N GLU B 242 10.73 -14.93 14.78
CA GLU B 242 10.84 -14.72 16.22
C GLU B 242 9.56 -14.10 16.78
N LEU B 243 8.87 -13.32 15.97
CA LEU B 243 7.57 -12.78 16.35
C LEU B 243 6.53 -13.89 16.43
N MET B 244 6.60 -14.83 15.50
CA MET B 244 5.75 -16.02 15.54
C MET B 244 5.95 -16.77 16.84
N ARG B 245 7.20 -17.00 17.19
CA ARG B 245 7.55 -17.75 18.40
C ARG B 245 7.11 -16.99 19.65
N ALA B 246 7.16 -15.66 19.59
CA ALA B 246 6.70 -14.84 20.69
C ALA B 246 5.19 -14.97 20.85
N CYS B 247 4.49 -15.05 19.72
CA CYS B 247 3.04 -15.24 19.73
C CYS B 247 2.66 -16.60 20.30
N TRP B 248 3.59 -17.55 20.21
CA TRP B 248 3.33 -18.93 20.62
C TRP B 248 3.91 -19.26 21.99
N GLN B 249 4.10 -18.25 22.83
CA GLN B 249 4.52 -18.49 24.20
C GLN B 249 3.42 -19.23 24.94
N TRP B 250 3.79 -20.24 25.73
CA TRP B 250 2.83 -21.06 26.44
C TRP B 250 1.97 -20.22 27.40
N ASN B 251 2.64 -19.38 28.20
CA ASN B 251 1.94 -18.48 29.11
C ASN B 251 1.44 -17.24 28.35
N PRO B 252 0.11 -17.04 28.33
CA PRO B 252 -0.52 -15.94 27.59
C PRO B 252 0.06 -14.56 27.92
N SER B 253 0.40 -14.32 29.18
CA SER B 253 0.91 -13.02 29.60
C SER B 253 2.32 -12.78 29.07
N ASP B 254 2.98 -13.83 28.60
CA ASP B 254 4.32 -13.71 28.02
C ASP B 254 4.26 -13.31 26.55
N ARG B 255 3.10 -13.46 25.94
CA ARG B 255 2.90 -13.10 24.55
C ARG B 255 2.83 -11.59 24.40
N PRO B 256 3.34 -11.06 23.28
CA PRO B 256 3.29 -9.62 23.04
C PRO B 256 1.88 -9.13 22.77
N SER B 257 1.62 -7.84 23.01
CA SER B 257 0.33 -7.25 22.68
C SER B 257 0.27 -6.94 21.19
N PHE B 258 -0.93 -6.66 20.68
CA PHE B 258 -1.07 -6.33 19.27
C PHE B 258 -0.47 -4.96 18.95
N ALA B 259 -0.42 -4.10 19.97
CA ALA B 259 0.21 -2.80 19.81
C ALA B 259 1.70 -2.96 19.55
N GLU B 260 2.32 -3.88 20.28
CA GLU B 260 3.75 -4.16 20.12
C GLU B 260 4.00 -4.92 18.82
N ILE B 261 3.10 -5.82 18.48
CA ILE B 261 3.19 -6.57 17.23
C ILE B 261 3.09 -5.64 16.03
N HIS B 262 2.10 -4.75 16.05
CA HIS B 262 1.90 -3.82 14.96
C HIS B 262 3.11 -2.91 14.78
N GLN B 263 3.67 -2.44 15.89
CA GLN B 263 4.84 -1.58 15.85
C GLN B 263 6.04 -2.30 15.23
N ALA B 264 6.20 -3.57 15.58
CA ALA B 264 7.30 -4.37 15.07
C ALA B 264 7.23 -4.53 13.56
N PHE B 265 6.04 -4.87 13.05
CA PHE B 265 5.85 -5.07 11.62
C PHE B 265 5.89 -3.76 10.86
N GLU B 266 5.36 -2.70 11.47
CA GLU B 266 5.37 -1.38 10.85
C GLU B 266 6.82 -0.94 10.59
N THR B 267 7.68 -1.17 11.56
CA THR B 267 9.10 -0.83 11.44
C THR B 267 9.74 -1.64 10.30
N MET B 268 9.51 -2.94 10.29
CA MET B 268 10.07 -3.81 9.26
C MET B 268 9.55 -3.45 7.87
N PHE B 269 8.26 -3.15 7.79
CA PHE B 269 7.64 -2.78 6.51
C PHE B 269 8.22 -1.47 5.97
N GLN B 270 8.42 -0.50 6.85
CA GLN B 270 8.94 0.80 6.44
C GLN B 270 10.40 0.73 6.04
N GLU B 271 11.17 -0.13 6.71
CA GLU B 271 12.59 -0.29 6.42
C GLU B 271 12.81 -1.09 5.14
N SER B 272 11.76 -1.76 4.67
CA SER B 272 11.82 -2.52 3.43
C SER B 272 11.11 -1.79 2.29
#